data_2MUQ
#
_entry.id   2MUQ
#
loop_
_entity.id
_entity.type
_entity.pdbx_description
1 polymer 'Fanconi anemia-associated protein of 20 kDa'
2 non-polymer 'ZINC ION'
#
_entity_poly.entity_id   1
_entity_poly.type   'polypeptide(L)'
_entity_poly.pdbx_seq_one_letter_code
;SHMGAAALRSCPMCQKEFAPRLTQLDVDSHLAQCLAESTEDVTW
;
_entity_poly.pdbx_strand_id   A
#
loop_
_chem_comp.id
_chem_comp.type
_chem_comp.name
_chem_comp.formula
ZN non-polymer 'ZINC ION' 'Zn 2'
#
# COMPACT_ATOMS: atom_id res chain seq x y z
N SER A 1 -13.26 -12.55 7.38
CA SER A 1 -13.26 -12.39 5.93
C SER A 1 -11.85 -12.53 5.37
N HIS A 2 -11.76 -13.19 4.22
CA HIS A 2 -10.46 -13.41 3.58
C HIS A 2 -9.92 -12.10 3.00
N MET A 3 -10.66 -11.52 2.06
CA MET A 3 -10.26 -10.26 1.43
C MET A 3 -10.79 -9.07 2.22
N GLY A 4 -10.43 -8.99 3.50
CA GLY A 4 -10.87 -7.90 4.33
C GLY A 4 -9.74 -7.23 5.07
N ALA A 5 -9.26 -7.88 6.13
CA ALA A 5 -8.16 -7.34 6.93
C ALA A 5 -6.87 -8.10 6.67
N ALA A 6 -5.93 -7.44 6.01
CA ALA A 6 -4.64 -8.06 5.69
C ALA A 6 -3.51 -7.05 5.79
N ALA A 7 -2.27 -7.53 5.75
CA ALA A 7 -1.10 -6.67 5.83
C ALA A 7 -0.10 -6.99 4.73
N LEU A 8 0.33 -5.95 4.00
CA LEU A 8 1.29 -6.13 2.92
C LEU A 8 2.61 -5.42 3.24
N ARG A 9 3.68 -5.86 2.60
CA ARG A 9 5.00 -5.26 2.81
C ARG A 9 5.40 -4.41 1.62
N SER A 10 4.48 -4.22 0.68
CA SER A 10 4.74 -3.42 -0.51
C SER A 10 3.46 -2.78 -1.03
N CYS A 11 3.60 -1.93 -2.04
CA CYS A 11 2.45 -1.25 -2.63
C CYS A 11 2.13 -1.80 -4.02
N PRO A 12 1.25 -2.81 -4.05
CA PRO A 12 0.83 -3.45 -5.30
C PRO A 12 -0.02 -2.53 -6.17
N MET A 13 -0.39 -1.38 -5.62
CA MET A 13 -1.20 -0.41 -6.35
C MET A 13 -0.36 0.35 -7.37
N CYS A 14 0.90 0.61 -7.02
CA CYS A 14 1.81 1.33 -7.90
C CYS A 14 3.10 0.55 -8.11
N GLN A 15 3.10 -0.70 -7.64
CA GLN A 15 4.28 -1.56 -7.78
C GLN A 15 5.49 -0.93 -7.10
N LYS A 16 5.32 -0.55 -5.84
CA LYS A 16 6.40 0.07 -5.07
C LYS A 16 6.82 -0.84 -3.91
N GLU A 17 8.10 -0.77 -3.56
CA GLU A 17 8.63 -1.58 -2.46
C GLU A 17 8.92 -0.72 -1.24
N PHE A 18 8.39 -1.14 -0.09
CA PHE A 18 8.59 -0.41 1.15
C PHE A 18 9.91 -0.80 1.80
N ALA A 19 10.70 0.20 2.18
CA ALA A 19 11.98 -0.03 2.83
C ALA A 19 11.81 -0.76 4.16
N PRO A 20 12.90 -1.39 4.64
CA PRO A 20 12.89 -2.14 5.90
C PRO A 20 12.77 -1.21 7.12
N ARG A 21 13.27 0.01 6.97
CA ARG A 21 13.21 0.98 8.05
C ARG A 21 11.78 1.44 8.31
N LEU A 22 10.95 1.35 7.27
CA LEU A 22 9.55 1.76 7.37
C LEU A 22 8.81 0.91 8.39
N THR A 23 7.79 1.49 9.02
CA THR A 23 7.00 0.78 10.01
C THR A 23 5.59 0.50 9.50
N GLN A 24 4.84 -0.30 10.26
CA GLN A 24 3.47 -0.64 9.88
C GLN A 24 2.65 0.60 9.57
N LEU A 25 2.94 1.68 10.30
CA LEU A 25 2.23 2.94 10.10
C LEU A 25 2.63 3.60 8.77
N ASP A 26 3.90 3.45 8.42
CA ASP A 26 4.41 4.02 7.18
C ASP A 26 3.74 3.39 5.97
N VAL A 27 3.65 2.06 5.98
CA VAL A 27 3.02 1.33 4.87
C VAL A 27 1.60 1.83 4.62
N ASP A 28 0.81 1.89 5.68
CA ASP A 28 -0.57 2.35 5.57
C ASP A 28 -0.62 3.81 5.10
N SER A 29 0.35 4.60 5.54
CA SER A 29 0.42 6.00 5.17
C SER A 29 0.39 6.16 3.65
N HIS A 30 1.27 5.44 2.96
CA HIS A 30 1.35 5.52 1.50
C HIS A 30 0.15 4.79 0.87
N LEU A 31 -0.27 3.70 1.50
CA LEU A 31 -1.39 2.92 0.99
C LEU A 31 -2.64 3.77 0.87
N ALA A 32 -2.73 4.82 1.71
CA ALA A 32 -3.87 5.71 1.69
C ALA A 32 -3.73 6.78 0.61
N GLN A 33 -2.52 7.30 0.46
CA GLN A 33 -2.24 8.33 -0.54
C GLN A 33 -2.25 7.73 -1.94
N CYS A 34 -1.89 6.45 -2.04
CA CYS A 34 -1.87 5.78 -3.33
C CYS A 34 -3.30 5.64 -3.83
N LEU A 35 -4.13 5.03 -2.99
CA LEU A 35 -5.53 4.82 -3.33
C LEU A 35 -6.28 6.14 -3.44
N ALA A 36 -5.80 7.14 -2.72
CA ALA A 36 -6.41 8.47 -2.74
C ALA A 36 -6.20 9.14 -4.09
N GLU A 37 -5.06 8.86 -4.72
CA GLU A 37 -4.75 9.45 -6.01
C GLU A 37 -5.57 8.80 -7.12
N SER A 38 -5.83 7.50 -6.98
CA SER A 38 -6.59 6.76 -7.97
C SER A 38 -5.98 6.90 -9.36
N THR A 39 -4.67 7.08 -9.40
CA THR A 39 -3.95 7.22 -10.67
C THR A 39 -3.29 5.92 -11.08
N GLU A 40 -4.10 4.98 -11.56
CA GLU A 40 -3.59 3.68 -11.98
C GLU A 40 -3.58 3.58 -13.51
N ASP A 41 -3.41 4.72 -14.17
CA ASP A 41 -3.39 4.75 -15.63
C ASP A 41 -2.17 5.53 -16.13
N VAL A 42 -1.04 5.34 -15.45
CA VAL A 42 0.20 6.03 -15.83
C VAL A 42 0.68 5.56 -17.20
N THR A 43 0.57 6.44 -18.19
CA THR A 43 1.01 6.12 -19.54
C THR A 43 2.14 7.03 -19.99
N TRP A 44 3.35 6.76 -19.49
CA TRP A 44 4.51 7.56 -19.84
C TRP A 44 5.66 6.67 -20.29
ZN ZN B . 1.68 3.38 -3.91
N SER A 1 -1.92 -17.28 2.55
CA SER A 1 -3.05 -16.96 1.69
C SER A 1 -3.38 -15.46 1.75
N HIS A 2 -3.12 -14.78 0.64
CA HIS A 2 -3.37 -13.34 0.56
C HIS A 2 -4.87 -13.05 0.75
N MET A 3 -5.70 -14.01 0.37
CA MET A 3 -7.14 -13.86 0.50
C MET A 3 -7.54 -13.58 1.95
N GLY A 4 -8.32 -12.52 2.13
CA GLY A 4 -8.76 -12.16 3.47
C GLY A 4 -8.06 -10.92 3.99
N ALA A 5 -8.22 -10.65 5.29
CA ALA A 5 -7.59 -9.48 5.90
C ALA A 5 -6.14 -9.76 6.27
N ALA A 6 -5.27 -9.77 5.25
CA ALA A 6 -3.86 -10.02 5.46
C ALA A 6 -3.06 -8.72 5.42
N ALA A 7 -1.74 -8.83 5.54
CA ALA A 7 -0.86 -7.67 5.51
C ALA A 7 0.05 -7.71 4.29
N LEU A 8 0.45 -6.53 3.82
CA LEU A 8 1.32 -6.42 2.66
C LEU A 8 2.57 -5.61 3.00
N ARG A 9 3.72 -6.06 2.50
CA ARG A 9 4.98 -5.37 2.74
C ARG A 9 5.39 -4.53 1.54
N SER A 10 4.44 -4.30 0.63
CA SER A 10 4.69 -3.51 -0.56
C SER A 10 3.42 -2.83 -1.06
N CYS A 11 3.56 -1.96 -2.05
CA CYS A 11 2.42 -1.24 -2.60
C CYS A 11 2.09 -1.75 -4.01
N PRO A 12 1.20 -2.76 -4.07
CA PRO A 12 0.77 -3.35 -5.34
C PRO A 12 -0.08 -2.40 -6.17
N MET A 13 -0.44 -1.27 -5.59
CA MET A 13 -1.25 -0.27 -6.27
C MET A 13 -0.44 0.49 -7.30
N CYS A 14 0.84 0.74 -6.97
CA CYS A 14 1.73 1.46 -7.87
C CYS A 14 3.00 0.65 -8.14
N GLN A 15 3.04 -0.57 -7.60
CA GLN A 15 4.19 -1.44 -7.78
C GLN A 15 5.44 -0.84 -7.14
N LYS A 16 5.33 -0.46 -5.88
CA LYS A 16 6.45 0.12 -5.15
C LYS A 16 6.81 -0.72 -3.93
N GLU A 17 8.10 -0.88 -3.68
CA GLU A 17 8.58 -1.65 -2.54
C GLU A 17 8.83 -0.76 -1.34
N PHE A 18 8.41 -1.21 -0.16
CA PHE A 18 8.59 -0.45 1.06
C PHE A 18 9.94 -0.77 1.71
N ALA A 19 10.63 0.27 2.16
CA ALA A 19 11.94 0.09 2.80
C ALA A 19 11.81 -0.67 4.11
N PRO A 20 12.93 -1.23 4.57
CA PRO A 20 12.97 -2.00 5.82
C PRO A 20 12.80 -1.12 7.05
N ARG A 21 13.26 0.12 6.96
CA ARG A 21 13.16 1.07 8.06
C ARG A 21 11.71 1.47 8.30
N LEU A 22 10.89 1.34 7.27
CA LEU A 22 9.48 1.69 7.36
C LEU A 22 8.75 0.75 8.32
N THR A 23 7.69 1.24 8.95
CA THR A 23 6.91 0.45 9.88
C THR A 23 5.47 0.30 9.42
N GLN A 24 4.68 -0.47 10.16
CA GLN A 24 3.28 -0.69 9.82
C GLN A 24 2.54 0.63 9.63
N LEU A 25 2.92 1.62 10.43
CA LEU A 25 2.29 2.94 10.37
C LEU A 25 2.70 3.66 9.08
N ASP A 26 3.93 3.44 8.64
CA ASP A 26 4.43 4.06 7.42
C ASP A 26 3.77 3.46 6.19
N VAL A 27 3.70 2.14 6.15
CA VAL A 27 3.09 1.44 5.02
C VAL A 27 1.67 1.93 4.78
N ASP A 28 0.91 2.05 5.86
CA ASP A 28 -0.48 2.50 5.77
C ASP A 28 -0.55 3.95 5.25
N SER A 29 0.44 4.75 5.63
CA SER A 29 0.48 6.14 5.21
C SER A 29 0.47 6.25 3.69
N HIS A 30 1.37 5.53 3.03
CA HIS A 30 1.46 5.54 1.58
C HIS A 30 0.24 4.86 0.96
N LEU A 31 -0.24 3.81 1.61
CA LEU A 31 -1.40 3.06 1.12
C LEU A 31 -2.63 3.95 1.08
N ALA A 32 -2.62 5.02 1.89
CA ALA A 32 -3.74 5.95 1.95
C ALA A 32 -3.66 6.97 0.82
N GLN A 33 -2.46 7.49 0.58
CA GLN A 33 -2.23 8.48 -0.47
C GLN A 33 -2.27 7.84 -1.84
N CYS A 34 -1.86 6.57 -1.91
CA CYS A 34 -1.84 5.85 -3.16
C CYS A 34 -3.28 5.55 -3.57
N LEU A 35 -4.09 5.20 -2.57
CA LEU A 35 -5.50 4.90 -2.80
C LEU A 35 -6.22 6.07 -3.44
N ALA A 36 -5.98 7.27 -2.92
CA ALA A 36 -6.60 8.48 -3.46
C ALA A 36 -6.22 8.69 -4.92
N GLU A 37 -4.96 8.42 -5.25
CA GLU A 37 -4.47 8.59 -6.60
C GLU A 37 -5.28 7.75 -7.58
N SER A 38 -5.75 6.60 -7.12
CA SER A 38 -6.54 5.71 -7.95
C SER A 38 -5.81 5.38 -9.25
N THR A 39 -4.48 5.35 -9.17
CA THR A 39 -3.66 5.06 -10.34
C THR A 39 -3.66 3.56 -10.66
N GLU A 40 -4.20 2.77 -9.74
CA GLU A 40 -4.27 1.33 -9.92
C GLU A 40 -5.32 0.96 -10.96
N ASP A 41 -4.96 1.08 -12.23
CA ASP A 41 -5.87 0.76 -13.33
C ASP A 41 -5.22 -0.22 -14.30
N VAL A 42 -4.38 -1.11 -13.77
CA VAL A 42 -3.71 -2.10 -14.60
C VAL A 42 -4.42 -3.45 -14.55
N THR A 43 -4.69 -4.01 -15.73
CA THR A 43 -5.38 -5.29 -15.81
C THR A 43 -4.43 -6.38 -16.33
N TRP A 44 -3.43 -5.97 -17.10
CA TRP A 44 -2.46 -6.91 -17.66
C TRP A 44 -1.48 -7.39 -16.59
ZN ZN B . 1.76 3.41 -3.83
N SER A 1 3.12 -19.09 -3.46
CA SER A 1 2.83 -18.06 -2.47
C SER A 1 1.91 -18.61 -1.38
N HIS A 2 2.52 -19.22 -0.36
CA HIS A 2 1.76 -19.79 0.75
C HIS A 2 1.20 -18.69 1.64
N MET A 3 0.09 -18.99 2.31
CA MET A 3 -0.56 -18.03 3.20
C MET A 3 0.33 -17.73 4.41
N GLY A 4 1.10 -16.65 4.33
CA GLY A 4 1.97 -16.29 5.42
C GLY A 4 1.34 -15.26 6.35
N ALA A 5 1.37 -14.00 5.95
CA ALA A 5 0.79 -12.93 6.76
C ALA A 5 -0.51 -12.42 6.14
N ALA A 6 -1.22 -11.58 6.89
CA ALA A 6 -2.48 -11.01 6.41
C ALA A 6 -2.31 -9.57 5.97
N ALA A 7 -1.05 -9.11 5.92
CA ALA A 7 -0.74 -7.75 5.50
C ALA A 7 0.19 -7.74 4.31
N LEU A 8 0.43 -6.54 3.76
CA LEU A 8 1.31 -6.39 2.61
C LEU A 8 2.53 -5.56 2.96
N ARG A 9 3.70 -6.00 2.51
CA ARG A 9 4.95 -5.30 2.78
C ARG A 9 5.36 -4.45 1.58
N SER A 10 4.43 -4.23 0.67
CA SER A 10 4.70 -3.44 -0.53
C SER A 10 3.42 -2.77 -1.03
N CYS A 11 3.56 -1.91 -2.04
CA CYS A 11 2.43 -1.21 -2.61
C CYS A 11 2.11 -1.75 -4.01
N PRO A 12 1.21 -2.74 -4.06
CA PRO A 12 0.78 -3.35 -5.32
C PRO A 12 -0.06 -2.42 -6.18
N MET A 13 -0.42 -1.28 -5.61
CA MET A 13 -1.22 -0.29 -6.32
C MET A 13 -0.38 0.48 -7.33
N CYS A 14 0.90 0.69 -7.00
CA CYS A 14 1.81 1.40 -7.88
C CYS A 14 3.10 0.62 -8.09
N GLN A 15 3.09 -0.64 -7.64
CA GLN A 15 4.26 -1.50 -7.78
C GLN A 15 5.48 -0.89 -7.09
N LYS A 16 5.31 -0.52 -5.82
CA LYS A 16 6.40 0.08 -5.06
C LYS A 16 6.80 -0.84 -3.91
N GLU A 17 8.08 -0.78 -3.53
CA GLU A 17 8.60 -1.60 -2.44
C GLU A 17 8.89 -0.75 -1.21
N PHE A 18 8.36 -1.16 -0.07
CA PHE A 18 8.55 -0.43 1.18
C PHE A 18 9.88 -0.82 1.83
N ALA A 19 10.67 0.18 2.19
CA ALA A 19 11.96 -0.05 2.82
C ALA A 19 11.80 -0.79 4.16
N PRO A 20 12.90 -1.42 4.62
CA PRO A 20 12.90 -2.16 5.88
C PRO A 20 12.78 -1.25 7.09
N ARG A 21 13.29 -0.02 6.97
CA ARG A 21 13.24 0.94 8.06
C ARG A 21 11.81 1.40 8.30
N LEU A 22 10.98 1.33 7.27
CA LEU A 22 9.58 1.74 7.39
C LEU A 22 8.83 0.87 8.39
N THR A 23 7.79 1.43 9.00
CA THR A 23 7.00 0.71 9.98
C THR A 23 5.58 0.46 9.47
N GLN A 24 4.78 -0.23 10.27
CA GLN A 24 3.40 -0.54 9.89
C GLN A 24 2.62 0.74 9.61
N LEU A 25 2.94 1.80 10.35
CA LEU A 25 2.27 3.08 10.18
C LEU A 25 2.68 3.74 8.86
N ASP A 26 3.92 3.52 8.46
CA ASP A 26 4.43 4.09 7.22
C ASP A 26 3.76 3.44 6.01
N VAL A 27 3.66 2.11 6.03
CA VAL A 27 3.04 1.38 4.94
C VAL A 27 1.61 1.89 4.67
N ASP A 28 0.82 1.97 5.73
CA ASP A 28 -0.56 2.44 5.62
C ASP A 28 -0.60 3.89 5.14
N SER A 29 0.38 4.68 5.57
CA SER A 29 0.44 6.08 5.19
C SER A 29 0.43 6.24 3.68
N HIS A 30 1.30 5.51 3.00
CA HIS A 30 1.38 5.56 1.54
C HIS A 30 0.20 4.83 0.90
N LEU A 31 -0.23 3.74 1.53
CA LEU A 31 -1.35 2.95 1.02
C LEU A 31 -2.61 3.79 0.94
N ALA A 32 -2.69 4.82 1.79
CA ALA A 32 -3.85 5.71 1.81
C ALA A 32 -3.73 6.78 0.73
N GLN A 33 -2.52 7.30 0.54
CA GLN A 33 -2.27 8.34 -0.45
C GLN A 33 -2.28 7.75 -1.86
N CYS A 34 -1.89 6.49 -1.97
CA CYS A 34 -1.85 5.82 -3.26
C CYS A 34 -3.29 5.66 -3.76
N LEU A 35 -4.10 5.02 -2.93
CA LEU A 35 -5.50 4.77 -3.25
C LEU A 35 -6.24 6.09 -3.45
N ALA A 36 -5.78 7.14 -2.78
CA ALA A 36 -6.41 8.45 -2.89
C ALA A 36 -6.27 9.01 -4.30
N GLU A 37 -5.13 8.72 -4.94
CA GLU A 37 -4.88 9.20 -6.29
C GLU A 37 -5.31 8.15 -7.32
N SER A 38 -5.30 6.89 -6.91
CA SER A 38 -5.67 5.80 -7.80
C SER A 38 -7.13 5.93 -8.25
N THR A 39 -7.90 6.73 -7.51
CA THR A 39 -9.30 6.95 -7.82
C THR A 39 -9.45 7.74 -9.12
N GLU A 40 -9.53 7.03 -10.24
CA GLU A 40 -9.68 7.68 -11.54
C GLU A 40 -11.16 7.88 -11.88
N ASP A 41 -11.78 8.87 -11.23
CA ASP A 41 -13.18 9.16 -11.47
C ASP A 41 -13.33 10.46 -12.25
N VAL A 42 -12.68 10.52 -13.42
CA VAL A 42 -12.74 11.70 -14.26
C VAL A 42 -12.98 11.33 -15.72
N THR A 43 -14.24 11.42 -16.14
CA THR A 43 -14.61 11.08 -17.51
C THR A 43 -14.17 12.16 -18.49
N TRP A 44 -14.07 13.39 -18.00
CA TRP A 44 -13.65 14.52 -18.83
C TRP A 44 -12.15 14.76 -18.69
ZN ZN B . 1.71 3.43 -3.87
N SER A 1 -7.26 1.33 14.26
CA SER A 1 -6.27 0.66 15.11
C SER A 1 -6.66 -0.80 15.33
N HIS A 2 -6.96 -1.50 14.24
CA HIS A 2 -7.34 -2.90 14.31
C HIS A 2 -6.10 -3.80 14.28
N MET A 3 -6.32 -5.10 14.40
CA MET A 3 -5.22 -6.07 14.39
C MET A 3 -5.74 -7.47 14.11
N GLY A 4 -4.82 -8.39 13.84
CA GLY A 4 -5.20 -9.77 13.57
C GLY A 4 -4.96 -10.16 12.12
N ALA A 5 -5.15 -9.22 11.21
CA ALA A 5 -4.94 -9.47 9.80
C ALA A 5 -3.52 -9.10 9.37
N ALA A 6 -2.95 -9.90 8.49
CA ALA A 6 -1.60 -9.65 8.00
C ALA A 6 -1.55 -8.41 7.11
N ALA A 7 -0.45 -7.66 7.19
CA ALA A 7 -0.28 -6.46 6.40
C ALA A 7 0.64 -6.70 5.20
N LEU A 8 0.66 -5.77 4.27
CA LEU A 8 1.50 -5.88 3.08
C LEU A 8 2.83 -5.17 3.29
N ARG A 9 3.90 -5.77 2.80
CA ARG A 9 5.24 -5.20 2.92
C ARG A 9 5.60 -4.39 1.68
N SER A 10 4.63 -4.22 0.79
CA SER A 10 4.85 -3.46 -0.44
C SER A 10 3.55 -2.84 -0.93
N CYS A 11 3.65 -1.99 -1.95
CA CYS A 11 2.48 -1.32 -2.52
C CYS A 11 2.13 -1.91 -3.88
N PRO A 12 1.23 -2.90 -3.89
CA PRO A 12 0.79 -3.57 -5.12
C PRO A 12 -0.06 -2.65 -5.99
N MET A 13 -0.42 -1.49 -5.45
CA MET A 13 -1.24 -0.54 -6.18
C MET A 13 -0.42 0.19 -7.24
N CYS A 14 0.82 0.52 -6.89
CA CYS A 14 1.72 1.22 -7.81
C CYS A 14 3.00 0.43 -8.03
N GLN A 15 3.01 -0.81 -7.55
CA GLN A 15 4.18 -1.68 -7.69
C GLN A 15 5.41 -1.05 -7.06
N LYS A 16 5.28 -0.65 -5.80
CA LYS A 16 6.37 -0.02 -5.07
C LYS A 16 6.83 -0.91 -3.91
N GLU A 17 8.12 -0.84 -3.59
CA GLU A 17 8.67 -1.63 -2.50
C GLU A 17 9.01 -0.75 -1.30
N PHE A 18 8.50 -1.13 -0.14
CA PHE A 18 8.75 -0.38 1.09
C PHE A 18 10.11 -0.74 1.70
N ALA A 19 10.82 0.27 2.16
CA ALA A 19 12.13 0.06 2.77
C ALA A 19 12.01 -0.67 4.09
N PRO A 20 13.13 -1.28 4.54
CA PRO A 20 13.17 -2.02 5.81
C PRO A 20 13.06 -1.11 7.02
N ARG A 21 13.21 0.19 6.79
CA ARG A 21 13.14 1.16 7.87
C ARG A 21 11.69 1.56 8.14
N LEU A 22 10.84 1.44 7.12
CA LEU A 22 9.44 1.78 7.26
C LEU A 22 8.74 0.85 8.25
N THR A 23 7.69 1.36 8.90
CA THR A 23 6.94 0.58 9.87
C THR A 23 5.54 0.27 9.36
N GLN A 24 4.79 -0.50 10.14
CA GLN A 24 3.42 -0.86 9.77
C GLN A 24 2.60 0.38 9.49
N LEU A 25 2.79 1.43 10.29
CA LEU A 25 2.06 2.67 10.11
C LEU A 25 2.47 3.38 8.82
N ASP A 26 3.74 3.25 8.46
CA ASP A 26 4.26 3.87 7.24
C ASP A 26 3.58 3.26 6.01
N VAL A 27 3.46 1.94 6.00
CA VAL A 27 2.84 1.25 4.88
C VAL A 27 1.44 1.77 4.61
N ASP A 28 0.61 1.78 5.65
CA ASP A 28 -0.77 2.27 5.53
C ASP A 28 -0.79 3.72 5.07
N SER A 29 0.19 4.50 5.53
CA SER A 29 0.27 5.91 5.17
C SER A 29 0.28 6.09 3.66
N HIS A 30 1.19 5.38 2.99
CA HIS A 30 1.30 5.46 1.53
C HIS A 30 0.09 4.81 0.86
N LEU A 31 -0.41 3.74 1.46
CA LEU A 31 -1.55 3.03 0.92
C LEU A 31 -2.77 3.93 0.84
N ALA A 32 -2.80 4.97 1.67
CA ALA A 32 -3.89 5.92 1.68
C ALA A 32 -3.76 6.95 0.56
N GLN A 33 -2.54 7.47 0.40
CA GLN A 33 -2.27 8.47 -0.63
C GLN A 33 -2.23 7.83 -2.01
N CYS A 34 -1.85 6.56 -2.06
CA CYS A 34 -1.77 5.85 -3.31
C CYS A 34 -3.19 5.71 -3.88
N LEU A 35 -4.08 5.21 -3.03
CA LEU A 35 -5.48 5.03 -3.41
C LEU A 35 -6.20 6.36 -3.52
N ALA A 36 -5.74 7.35 -2.74
CA ALA A 36 -6.33 8.67 -2.75
C ALA A 36 -6.13 9.36 -4.10
N GLU A 37 -4.98 9.11 -4.71
CA GLU A 37 -4.66 9.71 -6.01
C GLU A 37 -5.22 8.87 -7.15
N SER A 38 -5.38 7.57 -6.90
CA SER A 38 -5.91 6.66 -7.91
C SER A 38 -7.24 6.07 -7.47
N THR A 39 -8.22 6.93 -7.23
CA THR A 39 -9.53 6.49 -6.80
C THR A 39 -10.18 5.57 -7.82
N GLU A 40 -10.13 4.26 -7.56
CA GLU A 40 -10.71 3.27 -8.46
C GLU A 40 -12.12 2.90 -8.02
N ASP A 41 -13.00 3.89 -7.95
CA ASP A 41 -14.38 3.66 -7.55
C ASP A 41 -15.27 3.41 -8.77
N VAL A 42 -14.83 2.51 -9.64
CA VAL A 42 -15.58 2.17 -10.84
C VAL A 42 -16.48 0.97 -10.61
N THR A 43 -17.79 1.22 -10.52
CA THR A 43 -18.75 0.15 -10.30
C THR A 43 -19.37 -0.31 -11.62
N TRP A 44 -19.37 0.57 -12.61
CA TRP A 44 -19.92 0.24 -13.92
C TRP A 44 -19.31 1.12 -15.00
ZN ZN B . 1.67 3.29 -3.85
N SER A 1 -4.79 -13.58 19.64
CA SER A 1 -3.97 -12.46 20.06
C SER A 1 -3.35 -11.76 18.85
N HIS A 2 -4.19 -11.37 17.90
CA HIS A 2 -3.74 -10.68 16.70
C HIS A 2 -4.90 -10.08 15.94
N MET A 3 -4.67 -8.90 15.34
CA MET A 3 -5.71 -8.21 14.59
C MET A 3 -5.37 -8.19 13.10
N GLY A 4 -4.72 -9.25 12.63
CA GLY A 4 -4.36 -9.33 11.23
C GLY A 4 -3.53 -10.56 10.93
N ALA A 5 -4.11 -11.51 10.19
CA ALA A 5 -3.41 -12.73 9.82
C ALA A 5 -2.53 -12.51 8.59
N ALA A 6 -3.06 -11.80 7.61
CA ALA A 6 -2.32 -11.52 6.38
C ALA A 6 -2.08 -10.03 6.22
N ALA A 7 -0.91 -9.67 5.69
CA ALA A 7 -0.55 -8.28 5.48
C ALA A 7 0.29 -8.10 4.22
N LEU A 8 0.65 -6.86 3.91
CA LEU A 8 1.45 -6.57 2.74
C LEU A 8 2.69 -5.76 3.10
N ARG A 9 3.81 -6.08 2.46
CA ARG A 9 5.06 -5.38 2.72
C ARG A 9 5.46 -4.51 1.53
N SER A 10 4.52 -4.30 0.63
CA SER A 10 4.77 -3.49 -0.56
C SER A 10 3.49 -2.84 -1.06
N CYS A 11 3.61 -1.97 -2.05
CA CYS A 11 2.46 -1.28 -2.63
C CYS A 11 2.14 -1.81 -4.02
N PRO A 12 1.26 -2.82 -4.08
CA PRO A 12 0.85 -3.44 -5.34
C PRO A 12 -0.01 -2.50 -6.20
N MET A 13 -0.38 -1.37 -5.62
CA MET A 13 -1.19 -0.38 -6.33
C MET A 13 -0.35 0.39 -7.35
N CYS A 14 0.90 0.65 -6.99
CA CYS A 14 1.80 1.38 -7.87
C CYS A 14 3.09 0.61 -8.09
N GLN A 15 3.10 -0.65 -7.64
CA GLN A 15 4.28 -1.51 -7.80
C GLN A 15 5.49 -0.89 -7.11
N LYS A 16 5.32 -0.53 -5.84
CA LYS A 16 6.40 0.08 -5.07
C LYS A 16 6.83 -0.84 -3.92
N GLU A 17 8.10 -0.77 -3.56
CA GLU A 17 8.64 -1.59 -2.48
C GLU A 17 8.92 -0.75 -1.24
N PHE A 18 8.39 -1.18 -0.10
CA PHE A 18 8.59 -0.45 1.15
C PHE A 18 9.93 -0.84 1.79
N ALA A 19 10.69 0.17 2.18
CA ALA A 19 11.99 -0.05 2.81
C ALA A 19 11.83 -0.79 4.14
N PRO A 20 12.93 -1.41 4.61
CA PRO A 20 12.94 -2.16 5.86
C PRO A 20 12.82 -1.24 7.08
N ARG A 21 13.28 0.00 6.94
CA ARG A 21 13.22 0.96 8.03
C ARG A 21 11.79 1.41 8.28
N LEU A 22 10.95 1.33 7.25
CA LEU A 22 9.56 1.72 7.37
C LEU A 22 8.82 0.86 8.39
N THR A 23 7.80 1.43 9.01
CA THR A 23 7.01 0.70 10.00
C THR A 23 5.60 0.44 9.50
N GLN A 24 4.84 -0.32 10.27
CA GLN A 24 3.46 -0.66 9.91
C GLN A 24 2.65 0.60 9.64
N LEU A 25 2.94 1.66 10.40
CA LEU A 25 2.23 2.92 10.25
C LEU A 25 2.64 3.62 8.95
N ASP A 26 3.91 3.48 8.59
CA ASP A 26 4.43 4.09 7.36
C ASP A 26 3.77 3.47 6.13
N VAL A 27 3.63 2.14 6.14
CA VAL A 27 3.02 1.44 5.02
C VAL A 27 1.60 1.93 4.76
N ASP A 28 0.80 1.97 5.81
CA ASP A 28 -0.58 2.42 5.70
C ASP A 28 -0.64 3.87 5.21
N SER A 29 0.34 4.67 5.63
CA SER A 29 0.39 6.07 5.24
C SER A 29 0.36 6.22 3.73
N HIS A 30 1.26 5.51 3.06
CA HIS A 30 1.34 5.56 1.60
C HIS A 30 0.13 4.88 0.97
N LEU A 31 -0.33 3.79 1.59
CA LEU A 31 -1.48 3.06 1.08
C LEU A 31 -2.70 3.97 0.97
N ALA A 32 -2.75 5.00 1.79
CA ALA A 32 -3.85 5.95 1.79
C ALA A 32 -3.72 6.94 0.64
N GLN A 33 -2.51 7.48 0.47
CA GLN A 33 -2.25 8.45 -0.60
C GLN A 33 -2.30 7.77 -1.96
N CYS A 34 -1.91 6.50 -2.01
CA CYS A 34 -1.91 5.77 -3.26
C CYS A 34 -3.37 5.51 -3.68
N LEU A 35 -4.21 5.33 -2.66
CA LEU A 35 -5.63 5.08 -2.88
C LEU A 35 -6.35 6.37 -3.30
N ALA A 36 -5.82 7.50 -2.87
CA ALA A 36 -6.40 8.79 -3.20
C ALA A 36 -6.24 9.10 -4.69
N GLU A 37 -5.10 8.70 -5.25
CA GLU A 37 -4.83 8.93 -6.67
C GLU A 37 -5.91 8.31 -7.54
N SER A 38 -6.59 7.30 -7.00
CA SER A 38 -7.63 6.61 -7.74
C SER A 38 -9.01 7.01 -7.22
N THR A 39 -9.68 7.90 -7.95
CA THR A 39 -11.01 8.37 -7.55
C THR A 39 -12.08 7.84 -8.51
N GLU A 40 -12.04 6.53 -8.76
CA GLU A 40 -13.01 5.90 -9.66
C GLU A 40 -13.94 4.99 -8.89
N ASP A 41 -14.43 5.46 -7.74
CA ASP A 41 -15.33 4.67 -6.91
C ASP A 41 -16.66 5.40 -6.72
N VAL A 42 -17.24 5.84 -7.83
CA VAL A 42 -18.52 6.56 -7.79
C VAL A 42 -19.60 5.78 -8.51
N THR A 43 -20.48 5.13 -7.75
CA THR A 43 -21.57 4.35 -8.31
C THR A 43 -22.90 5.06 -8.16
N TRP A 44 -22.99 5.92 -7.15
CA TRP A 44 -24.22 6.67 -6.88
C TRP A 44 -24.34 7.85 -7.83
ZN ZN B . 1.68 3.37 -3.84
N SER A 1 -9.39 -10.42 -9.41
CA SER A 1 -8.06 -10.07 -8.91
C SER A 1 -8.14 -9.33 -7.59
N HIS A 2 -8.97 -9.84 -6.69
CA HIS A 2 -9.14 -9.23 -5.37
C HIS A 2 -8.59 -10.13 -4.27
N MET A 3 -7.41 -10.68 -4.50
CA MET A 3 -6.78 -11.57 -3.51
C MET A 3 -5.60 -10.88 -2.84
N GLY A 4 -5.88 -10.18 -1.75
CA GLY A 4 -4.83 -9.49 -1.02
C GLY A 4 -4.57 -10.09 0.35
N ALA A 5 -4.31 -9.23 1.33
CA ALA A 5 -4.05 -9.68 2.69
C ALA A 5 -4.29 -8.56 3.70
N ALA A 6 -4.18 -8.90 4.98
CA ALA A 6 -4.39 -7.91 6.04
C ALA A 6 -3.06 -7.29 6.47
N ALA A 7 -2.00 -7.59 5.72
CA ALA A 7 -0.67 -7.05 6.02
C ALA A 7 0.28 -7.27 4.84
N LEU A 8 0.65 -6.17 4.19
CA LEU A 8 1.56 -6.25 3.05
C LEU A 8 2.83 -5.44 3.32
N ARG A 9 3.95 -5.89 2.74
CA ARG A 9 5.22 -5.21 2.92
C ARG A 9 5.57 -4.38 1.69
N SER A 10 4.60 -4.20 0.81
CA SER A 10 4.80 -3.42 -0.40
C SER A 10 3.50 -2.79 -0.88
N CYS A 11 3.59 -1.97 -1.92
CA CYS A 11 2.41 -1.30 -2.47
C CYS A 11 2.07 -1.85 -3.86
N PRO A 12 1.18 -2.85 -3.89
CA PRO A 12 0.74 -3.48 -5.15
C PRO A 12 -0.11 -2.54 -6.00
N MET A 13 -0.47 -1.40 -5.43
CA MET A 13 -1.28 -0.42 -6.14
C MET A 13 -0.46 0.33 -7.18
N CYS A 14 0.78 0.64 -6.83
CA CYS A 14 1.68 1.35 -7.73
C CYS A 14 2.96 0.57 -7.98
N GLN A 15 2.99 -0.68 -7.49
CA GLN A 15 4.15 -1.53 -7.65
C GLN A 15 5.39 -0.90 -7.03
N LYS A 16 5.28 -0.50 -5.76
CA LYS A 16 6.38 0.13 -5.06
C LYS A 16 6.80 -0.70 -3.86
N GLU A 17 8.10 -0.79 -3.61
CA GLU A 17 8.62 -1.55 -2.48
C GLU A 17 8.91 -0.64 -1.30
N PHE A 18 8.48 -1.07 -0.11
CA PHE A 18 8.69 -0.29 1.11
C PHE A 18 10.05 -0.60 1.72
N ALA A 19 10.77 0.45 2.07
CA ALA A 19 12.10 0.29 2.68
C ALA A 19 12.03 -0.59 3.92
N PRO A 20 13.19 -1.13 4.32
CA PRO A 20 13.29 -2.01 5.49
C PRO A 20 13.09 -1.25 6.79
N ARG A 21 13.33 0.06 6.76
CA ARG A 21 13.18 0.90 7.93
C ARG A 21 11.71 1.26 8.16
N LEU A 22 10.93 1.25 7.08
CA LEU A 22 9.52 1.57 7.16
C LEU A 22 8.79 0.63 8.11
N THR A 23 7.80 1.16 8.83
CA THR A 23 7.04 0.36 9.77
C THR A 23 5.61 0.14 9.27
N GLN A 24 4.84 -0.68 10.00
CA GLN A 24 3.47 -0.98 9.61
C GLN A 24 2.66 0.30 9.49
N LEU A 25 2.90 1.25 10.40
CA LEU A 25 2.18 2.52 10.38
C LEU A 25 2.54 3.33 9.14
N ASP A 26 3.79 3.26 8.72
CA ASP A 26 4.24 3.97 7.55
C ASP A 26 3.59 3.43 6.28
N VAL A 27 3.48 2.10 6.20
CA VAL A 27 2.87 1.46 5.05
C VAL A 27 1.45 1.97 4.81
N ASP A 28 0.62 1.90 5.85
CA ASP A 28 -0.75 2.35 5.77
C ASP A 28 -0.82 3.81 5.30
N SER A 29 0.17 4.60 5.70
CA SER A 29 0.22 6.01 5.32
C SER A 29 0.23 6.16 3.81
N HIS A 30 1.13 5.44 3.16
CA HIS A 30 1.25 5.50 1.70
C HIS A 30 0.02 4.89 1.04
N LEU A 31 -0.50 3.81 1.62
CA LEU A 31 -1.66 3.13 1.08
C LEU A 31 -2.85 4.08 0.99
N ALA A 32 -2.84 5.12 1.81
CA ALA A 32 -3.91 6.10 1.82
C ALA A 32 -3.75 7.10 0.68
N GLN A 33 -2.53 7.61 0.51
CA GLN A 33 -2.24 8.57 -0.55
C GLN A 33 -2.25 7.90 -1.92
N CYS A 34 -1.91 6.62 -1.94
CA CYS A 34 -1.88 5.88 -3.19
C CYS A 34 -3.32 5.67 -3.65
N LEU A 35 -4.20 5.42 -2.69
CA LEU A 35 -5.61 5.19 -2.96
C LEU A 35 -6.22 6.40 -3.67
N ALA A 36 -5.92 7.60 -3.16
CA ALA A 36 -6.44 8.82 -3.75
C ALA A 36 -6.00 8.97 -5.20
N GLU A 37 -4.73 8.64 -5.47
CA GLU A 37 -4.19 8.74 -6.82
C GLU A 37 -4.88 7.76 -7.76
N SER A 38 -5.38 6.66 -7.19
CA SER A 38 -6.06 5.64 -7.97
C SER A 38 -7.57 5.81 -7.90
N THR A 39 -8.09 6.79 -8.63
CA THR A 39 -9.51 7.07 -8.64
C THR A 39 -10.22 6.28 -9.74
N GLU A 40 -10.57 5.04 -9.44
CA GLU A 40 -11.24 4.17 -10.40
C GLU A 40 -12.74 4.41 -10.38
N ASP A 41 -13.17 5.54 -10.92
CA ASP A 41 -14.59 5.89 -10.96
C ASP A 41 -15.12 5.85 -12.40
N VAL A 42 -14.74 4.81 -13.14
CA VAL A 42 -15.17 4.65 -14.52
C VAL A 42 -15.69 3.25 -14.77
N THR A 43 -16.93 3.16 -15.25
CA THR A 43 -17.55 1.86 -15.53
C THR A 43 -17.40 1.50 -17.01
N TRP A 44 -17.32 2.52 -17.86
CA TRP A 44 -17.17 2.30 -19.29
C TRP A 44 -15.72 2.40 -19.71
ZN ZN B . 1.61 3.34 -3.74
N SER A 1 8.94 -17.14 9.33
CA SER A 1 7.61 -17.71 9.24
C SER A 1 6.63 -16.95 10.11
N HIS A 2 5.91 -16.01 9.50
CA HIS A 2 4.93 -15.21 10.21
C HIS A 2 3.52 -15.44 9.68
N MET A 3 2.77 -16.31 10.35
CA MET A 3 1.41 -16.63 9.93
C MET A 3 0.40 -16.04 10.92
N GLY A 4 -0.72 -15.56 10.39
CA GLY A 4 -1.76 -14.98 11.24
C GLY A 4 -2.75 -14.16 10.44
N ALA A 5 -2.56 -12.85 10.44
CA ALA A 5 -3.45 -11.95 9.71
C ALA A 5 -2.84 -11.52 8.39
N ALA A 6 -3.67 -11.48 7.34
CA ALA A 6 -3.21 -11.09 6.02
C ALA A 6 -2.61 -9.69 6.05
N ALA A 7 -1.33 -9.59 5.67
CA ALA A 7 -0.64 -8.31 5.65
C ALA A 7 0.23 -8.17 4.40
N LEU A 8 0.67 -6.95 4.13
CA LEU A 8 1.50 -6.68 2.96
C LEU A 8 2.77 -5.93 3.36
N ARG A 9 3.80 -6.04 2.52
CA ARG A 9 5.06 -5.35 2.78
C ARG A 9 5.46 -4.48 1.60
N SER A 10 4.52 -4.26 0.68
CA SER A 10 4.79 -3.45 -0.50
C SER A 10 3.49 -2.81 -1.00
N CYS A 11 3.63 -1.94 -2.01
CA CYS A 11 2.48 -1.26 -2.58
C CYS A 11 2.15 -1.81 -3.97
N PRO A 12 1.25 -2.81 -4.00
CA PRO A 12 0.83 -3.45 -5.25
C PRO A 12 -0.02 -2.52 -6.12
N MET A 13 -0.38 -1.37 -5.57
CA MET A 13 -1.19 -0.39 -6.29
C MET A 13 -0.34 0.36 -7.31
N CYS A 14 0.89 0.67 -6.94
CA CYS A 14 1.80 1.39 -7.82
C CYS A 14 3.08 0.61 -8.05
N GLN A 15 3.08 -0.64 -7.59
CA GLN A 15 4.26 -1.51 -7.75
C GLN A 15 5.47 -0.90 -7.06
N LYS A 16 5.31 -0.51 -5.80
CA LYS A 16 6.40 0.08 -5.03
C LYS A 16 6.84 -0.84 -3.90
N GLU A 17 8.12 -0.78 -3.55
CA GLU A 17 8.66 -1.62 -2.48
C GLU A 17 8.97 -0.77 -1.25
N PHE A 18 8.43 -1.18 -0.10
CA PHE A 18 8.65 -0.46 1.14
C PHE A 18 9.98 -0.88 1.78
N ALA A 19 10.78 0.12 2.14
CA ALA A 19 12.07 -0.13 2.77
C ALA A 19 11.92 -0.87 4.09
N PRO A 20 13.00 -1.51 4.55
CA PRO A 20 13.01 -2.27 5.80
C PRO A 20 12.91 -1.37 7.03
N ARG A 21 13.24 -0.09 6.84
CA ARG A 21 13.20 0.88 7.93
C ARG A 21 11.77 1.34 8.18
N LEU A 22 10.96 1.34 7.13
CA LEU A 22 9.57 1.77 7.24
C LEU A 22 8.83 0.99 8.33
N THR A 23 7.75 1.57 8.83
CA THR A 23 6.96 0.93 9.88
C THR A 23 5.55 0.64 9.41
N GLN A 24 4.84 -0.18 10.18
CA GLN A 24 3.46 -0.54 9.84
C GLN A 24 2.62 0.70 9.56
N LEU A 25 2.93 1.79 10.28
CA LEU A 25 2.20 3.04 10.10
C LEU A 25 2.56 3.70 8.79
N ASP A 26 3.82 3.57 8.38
CA ASP A 26 4.30 4.16 7.13
C ASP A 26 3.59 3.53 5.94
N VAL A 27 3.49 2.20 5.94
CA VAL A 27 2.85 1.48 4.85
C VAL A 27 1.43 1.97 4.63
N ASP A 28 0.63 1.98 5.70
CA ASP A 28 -0.74 2.44 5.62
C ASP A 28 -0.82 3.89 5.13
N SER A 29 0.15 4.69 5.57
CA SER A 29 0.20 6.10 5.19
C SER A 29 0.21 6.25 3.68
N HIS A 30 1.14 5.55 3.03
CA HIS A 30 1.26 5.61 1.57
C HIS A 30 0.10 4.89 0.90
N LEU A 31 -0.34 3.79 1.51
CA LEU A 31 -1.45 3.02 0.97
C LEU A 31 -2.72 3.85 0.89
N ALA A 32 -2.79 4.90 1.71
CA ALA A 32 -3.95 5.78 1.73
C ALA A 32 -3.86 6.83 0.62
N GLN A 33 -2.68 7.42 0.47
CA GLN A 33 -2.46 8.44 -0.55
C GLN A 33 -2.40 7.81 -1.94
N CYS A 34 -1.94 6.55 -2.00
CA CYS A 34 -1.83 5.86 -3.26
C CYS A 34 -3.25 5.65 -3.82
N LEU A 35 -4.09 5.03 -3.00
CA LEU A 35 -5.47 4.75 -3.38
C LEU A 35 -6.27 6.04 -3.51
N ALA A 36 -5.86 7.06 -2.77
CA ALA A 36 -6.53 8.36 -2.80
C ALA A 36 -6.19 9.11 -4.08
N GLU A 37 -4.97 8.92 -4.57
CA GLU A 37 -4.51 9.59 -5.78
C GLU A 37 -4.37 8.59 -6.93
N SER A 38 -5.15 7.53 -6.88
CA SER A 38 -5.11 6.50 -7.91
C SER A 38 -6.05 6.85 -9.07
N THR A 39 -5.88 8.05 -9.61
CA THR A 39 -6.71 8.52 -10.71
C THR A 39 -5.93 8.48 -12.03
N GLU A 40 -4.61 8.60 -11.93
CA GLU A 40 -3.76 8.58 -13.12
C GLU A 40 -3.31 7.16 -13.44
N ASP A 41 -4.28 6.29 -13.69
CA ASP A 41 -4.00 4.90 -14.03
C ASP A 41 -3.93 4.69 -15.54
N VAL A 42 -3.15 5.54 -16.20
CA VAL A 42 -3.00 5.45 -17.65
C VAL A 42 -1.52 5.38 -18.05
N THR A 43 -0.87 4.28 -17.68
CA THR A 43 0.54 4.09 -17.99
C THR A 43 0.78 2.75 -18.67
N TRP A 44 -0.27 2.23 -19.32
CA TRP A 44 -0.16 0.96 -20.02
C TRP A 44 -1.03 0.95 -21.28
ZN ZN B . 1.70 3.38 -3.80
N SER A 1 9.98 -13.18 10.92
CA SER A 1 8.95 -14.11 11.37
C SER A 1 7.60 -13.40 11.50
N HIS A 2 6.70 -13.70 10.56
CA HIS A 2 5.37 -13.09 10.57
C HIS A 2 4.29 -14.15 10.71
N MET A 3 3.96 -14.50 11.96
CA MET A 3 2.94 -15.50 12.24
C MET A 3 1.60 -15.09 11.65
N GLY A 4 1.37 -13.78 11.56
CA GLY A 4 0.13 -13.27 11.02
C GLY A 4 0.34 -12.15 10.02
N ALA A 5 -0.73 -11.77 9.32
CA ALA A 5 -0.65 -10.71 8.33
C ALA A 5 -1.68 -9.62 8.61
N ALA A 6 -1.21 -8.39 8.78
CA ALA A 6 -2.09 -7.26 9.05
C ALA A 6 -1.81 -6.10 8.09
N ALA A 7 -0.99 -6.36 7.09
CA ALA A 7 -0.65 -5.34 6.10
C ALA A 7 0.22 -5.93 4.99
N LEU A 8 0.56 -5.09 4.01
CA LEU A 8 1.39 -5.53 2.89
C LEU A 8 2.79 -4.96 3.01
N ARG A 9 3.79 -5.77 2.62
CA ARG A 9 5.18 -5.35 2.68
C ARG A 9 5.56 -4.52 1.47
N SER A 10 4.59 -4.33 0.57
CA SER A 10 4.82 -3.56 -0.65
C SER A 10 3.53 -2.92 -1.14
N CYS A 11 3.65 -2.04 -2.13
CA CYS A 11 2.48 -1.35 -2.68
C CYS A 11 2.16 -1.89 -4.08
N PRO A 12 1.26 -2.89 -4.14
CA PRO A 12 0.85 -3.50 -5.39
C PRO A 12 0.00 -2.57 -6.25
N MET A 13 -0.37 -1.42 -5.68
CA MET A 13 -1.18 -0.44 -6.38
C MET A 13 -0.34 0.34 -7.39
N CYS A 14 0.90 0.66 -7.00
CA CYS A 14 1.80 1.40 -7.87
C CYS A 14 3.09 0.61 -8.11
N GLN A 15 3.10 -0.65 -7.67
CA GLN A 15 4.28 -1.50 -7.83
C GLN A 15 5.49 -0.88 -7.14
N LYS A 16 5.32 -0.53 -5.88
CA LYS A 16 6.40 0.07 -5.09
C LYS A 16 6.85 -0.87 -3.97
N GLU A 17 8.13 -0.80 -3.62
CA GLU A 17 8.67 -1.64 -2.55
C GLU A 17 8.95 -0.81 -1.29
N PHE A 18 8.41 -1.27 -0.17
CA PHE A 18 8.59 -0.57 1.10
C PHE A 18 9.93 -0.96 1.74
N ALA A 19 10.67 0.05 2.19
CA ALA A 19 11.96 -0.19 2.83
C ALA A 19 11.80 -0.92 4.16
N PRO A 20 12.88 -1.55 4.62
CA PRO A 20 12.88 -2.29 5.89
C PRO A 20 12.76 -1.37 7.10
N ARG A 21 13.24 -0.13 6.96
CA ARG A 21 13.19 0.84 8.04
C ARG A 21 11.77 1.33 8.26
N LEU A 22 10.94 1.25 7.21
CA LEU A 22 9.56 1.69 7.29
C LEU A 22 8.80 0.90 8.35
N THR A 23 7.82 1.55 8.97
CA THR A 23 7.01 0.91 10.01
C THR A 23 5.62 0.59 9.50
N GLN A 24 4.85 -0.11 10.31
CA GLN A 24 3.49 -0.49 9.94
C GLN A 24 2.65 0.75 9.63
N LEU A 25 2.87 1.82 10.38
CA LEU A 25 2.14 3.06 10.18
C LEU A 25 2.54 3.72 8.87
N ASP A 26 3.81 3.61 8.51
CA ASP A 26 4.32 4.19 7.28
C ASP A 26 3.69 3.52 6.06
N VAL A 27 3.61 2.19 6.10
CA VAL A 27 3.03 1.42 5.00
C VAL A 27 1.60 1.88 4.71
N ASP A 28 0.77 1.88 5.75
CA ASP A 28 -0.62 2.29 5.61
C ASP A 28 -0.72 3.74 5.15
N SER A 29 0.22 4.57 5.60
CA SER A 29 0.23 5.97 5.24
C SER A 29 0.24 6.15 3.73
N HIS A 30 1.16 5.47 3.06
CA HIS A 30 1.27 5.54 1.61
C HIS A 30 0.09 4.84 0.94
N LEU A 31 -0.31 3.71 1.50
CA LEU A 31 -1.43 2.94 0.96
C LEU A 31 -2.69 3.79 0.89
N ALA A 32 -2.75 4.83 1.72
CA ALA A 32 -3.90 5.72 1.74
C ALA A 32 -3.82 6.76 0.63
N GLN A 33 -2.63 7.34 0.47
CA GLN A 33 -2.42 8.35 -0.56
C GLN A 33 -2.38 7.72 -1.95
N CYS A 34 -1.95 6.48 -2.01
CA CYS A 34 -1.87 5.77 -3.28
C CYS A 34 -3.30 5.58 -3.81
N LEU A 35 -4.13 4.96 -2.97
CA LEU A 35 -5.51 4.71 -3.34
C LEU A 35 -6.30 6.01 -3.45
N ALA A 36 -5.87 7.02 -2.71
CA ALA A 36 -6.53 8.33 -2.73
C ALA A 36 -6.25 9.07 -4.03
N GLU A 37 -5.04 8.85 -4.58
CA GLU A 37 -4.65 9.50 -5.82
C GLU A 37 -4.77 8.53 -7.00
N SER A 38 -5.68 7.57 -6.88
CA SER A 38 -5.89 6.58 -7.93
C SER A 38 -7.23 6.81 -8.63
N THR A 39 -7.63 8.07 -8.72
CA THR A 39 -8.89 8.43 -9.37
C THR A 39 -8.65 9.06 -10.73
N GLU A 40 -8.05 8.30 -11.64
CA GLU A 40 -7.76 8.79 -12.98
C GLU A 40 -8.83 8.32 -13.97
N ASP A 41 -10.07 8.30 -13.53
CA ASP A 41 -11.19 7.88 -14.37
C ASP A 41 -10.91 6.51 -14.99
N VAL A 42 -10.27 5.64 -14.20
CA VAL A 42 -9.95 4.30 -14.67
C VAL A 42 -10.88 3.25 -14.06
N THR A 43 -11.97 2.96 -14.75
CA THR A 43 -12.94 1.98 -14.27
C THR A 43 -12.96 0.75 -15.16
N TRP A 44 -12.57 0.92 -16.42
CA TRP A 44 -12.54 -0.19 -17.36
C TRP A 44 -11.40 -1.16 -17.05
ZN ZN B . 1.66 3.31 -3.83
N SER A 1 7.31 -19.77 14.06
CA SER A 1 6.63 -19.48 15.32
C SER A 1 5.95 -18.11 15.27
N HIS A 2 5.20 -17.87 14.19
CA HIS A 2 4.51 -16.60 14.03
C HIS A 2 3.37 -16.74 13.02
N MET A 3 2.14 -16.74 13.52
CA MET A 3 0.97 -16.85 12.64
C MET A 3 -0.19 -16.02 13.17
N GLY A 4 -1.08 -15.62 12.27
CA GLY A 4 -2.22 -14.81 12.66
C GLY A 4 -2.01 -13.33 12.40
N ALA A 5 -1.83 -12.99 11.12
CA ALA A 5 -1.61 -11.60 10.73
C ALA A 5 -1.82 -11.42 9.22
N ALA A 6 -2.53 -10.36 8.85
CA ALA A 6 -2.81 -10.08 7.46
C ALA A 6 -2.35 -8.68 7.08
N ALA A 7 -1.41 -8.59 6.15
CA ALA A 7 -0.88 -7.31 5.70
C ALA A 7 0.10 -7.48 4.54
N LEU A 8 0.46 -6.38 3.91
CA LEU A 8 1.38 -6.41 2.78
C LEU A 8 2.66 -5.64 3.10
N ARG A 9 3.78 -6.07 2.52
CA ARG A 9 5.06 -5.43 2.75
C ARG A 9 5.45 -4.56 1.55
N SER A 10 4.50 -4.35 0.65
CA SER A 10 4.76 -3.54 -0.55
C SER A 10 3.47 -2.89 -1.04
N CYS A 11 3.61 -2.01 -2.02
CA CYS A 11 2.46 -1.31 -2.59
C CYS A 11 2.13 -1.83 -3.99
N PRO A 12 1.24 -2.83 -4.05
CA PRO A 12 0.82 -3.45 -5.32
C PRO A 12 -0.03 -2.50 -6.16
N MET A 13 -0.40 -1.36 -5.58
CA MET A 13 -1.20 -0.38 -6.29
C MET A 13 -0.37 0.38 -7.32
N CYS A 14 0.87 0.67 -6.96
CA CYS A 14 1.78 1.40 -7.86
C CYS A 14 3.04 0.58 -8.12
N GLN A 15 3.08 -0.63 -7.58
CA GLN A 15 4.24 -1.50 -7.76
C GLN A 15 5.48 -0.89 -7.12
N LYS A 16 5.36 -0.51 -5.85
CA LYS A 16 6.47 0.08 -5.12
C LYS A 16 6.84 -0.77 -3.91
N GLU A 17 8.14 -0.90 -3.66
CA GLU A 17 8.63 -1.70 -2.54
C GLU A 17 8.90 -0.80 -1.32
N PHE A 18 8.43 -1.24 -0.16
CA PHE A 18 8.63 -0.49 1.07
C PHE A 18 9.99 -0.80 1.70
N ALA A 19 10.70 0.24 2.11
CA ALA A 19 12.01 0.08 2.72
C ALA A 19 11.90 -0.72 4.03
N PRO A 20 13.04 -1.29 4.47
CA PRO A 20 13.11 -2.09 5.69
C PRO A 20 12.93 -1.23 6.94
N ARG A 21 13.22 0.05 6.83
CA ARG A 21 13.10 0.97 7.95
C ARG A 21 11.64 1.37 8.16
N LEU A 22 10.85 1.32 7.10
CA LEU A 22 9.44 1.68 7.17
C LEU A 22 8.71 0.83 8.19
N THR A 23 7.75 1.43 8.87
CA THR A 23 6.97 0.72 9.89
C THR A 23 5.55 0.47 9.41
N GLN A 24 4.79 -0.30 10.18
CA GLN A 24 3.42 -0.62 9.84
C GLN A 24 2.60 0.65 9.63
N LEU A 25 2.87 1.66 10.46
CA LEU A 25 2.16 2.93 10.37
C LEU A 25 2.53 3.67 9.08
N ASP A 26 3.79 3.55 8.69
CA ASP A 26 4.27 4.21 7.47
C ASP A 26 3.62 3.60 6.23
N VAL A 27 3.58 2.27 6.20
CA VAL A 27 2.99 1.55 5.06
C VAL A 27 1.55 2.01 4.82
N ASP A 28 0.77 2.07 5.89
CA ASP A 28 -0.63 2.49 5.79
C ASP A 28 -0.73 3.91 5.25
N SER A 29 0.25 4.75 5.61
CA SER A 29 0.26 6.13 5.17
C SER A 29 0.27 6.22 3.65
N HIS A 30 1.20 5.52 3.03
CA HIS A 30 1.31 5.51 1.57
C HIS A 30 0.12 4.80 0.94
N LEU A 31 -0.35 3.74 1.58
CA LEU A 31 -1.48 2.98 1.08
C LEU A 31 -2.72 3.86 0.95
N ALA A 32 -2.76 4.93 1.75
CA ALA A 32 -3.88 5.85 1.73
C ALA A 32 -3.74 6.87 0.60
N GLN A 33 -2.56 7.46 0.48
CA GLN A 33 -2.29 8.45 -0.55
C GLN A 33 -2.27 7.79 -1.92
N CYS A 34 -1.89 6.53 -1.97
CA CYS A 34 -1.84 5.81 -3.23
C CYS A 34 -3.27 5.53 -3.69
N LEU A 35 -4.09 5.09 -2.74
CA LEU A 35 -5.48 4.78 -3.02
C LEU A 35 -6.24 6.02 -3.49
N ALA A 36 -5.97 7.15 -2.83
CA ALA A 36 -6.62 8.41 -3.18
C ALA A 36 -6.11 8.94 -4.51
N GLU A 37 -4.81 8.77 -4.76
CA GLU A 37 -4.20 9.23 -5.99
C GLU A 37 -4.74 8.45 -7.19
N SER A 38 -5.13 7.20 -6.94
CA SER A 38 -5.66 6.35 -8.00
C SER A 38 -7.04 6.83 -8.46
N THR A 39 -7.68 7.63 -7.61
CA THR A 39 -9.00 8.17 -7.93
C THR A 39 -9.98 7.05 -8.27
N GLU A 40 -9.99 6.00 -7.45
CA GLU A 40 -10.88 4.86 -7.67
C GLU A 40 -12.25 5.12 -7.05
N ASP A 41 -13.19 5.56 -7.88
CA ASP A 41 -14.55 5.85 -7.41
C ASP A 41 -15.58 5.17 -8.30
N VAL A 42 -15.48 3.85 -8.42
CA VAL A 42 -16.40 3.07 -9.24
C VAL A 42 -17.47 2.40 -8.38
N THR A 43 -18.69 2.92 -8.47
CA THR A 43 -19.79 2.37 -7.70
C THR A 43 -20.80 1.67 -8.61
N TRP A 44 -20.92 2.16 -9.83
CA TRP A 44 -21.84 1.57 -10.81
C TRP A 44 -21.15 1.34 -12.14
ZN ZN B . 1.74 3.34 -3.83
N SER A 1 -11.33 -19.41 9.97
CA SER A 1 -10.43 -19.59 8.84
C SER A 1 -10.10 -18.25 8.19
N HIS A 2 -8.82 -18.07 7.84
CA HIS A 2 -8.38 -16.83 7.21
C HIS A 2 -7.39 -17.13 6.08
N MET A 3 -7.14 -16.13 5.25
CA MET A 3 -6.21 -16.28 4.13
C MET A 3 -5.04 -15.31 4.26
N GLY A 4 -5.31 -14.11 4.76
CA GLY A 4 -4.26 -13.12 4.93
C GLY A 4 -4.73 -11.72 4.56
N ALA A 5 -3.93 -11.04 3.75
CA ALA A 5 -4.27 -9.68 3.32
C ALA A 5 -4.48 -8.77 4.52
N ALA A 6 -3.68 -8.97 5.56
CA ALA A 6 -3.78 -8.16 6.77
C ALA A 6 -2.47 -7.46 7.07
N ALA A 7 -1.53 -7.54 6.14
CA ALA A 7 -0.23 -6.91 6.30
C ALA A 7 0.62 -7.04 5.03
N LEU A 8 0.84 -5.93 4.35
CA LEU A 8 1.63 -5.92 3.12
C LEU A 8 2.95 -5.18 3.32
N ARG A 9 4.03 -5.77 2.82
CA ARG A 9 5.34 -5.16 2.95
C ARG A 9 5.69 -4.35 1.70
N SER A 10 4.71 -4.18 0.81
CA SER A 10 4.91 -3.44 -0.42
C SER A 10 3.60 -2.83 -0.90
N CYS A 11 3.69 -1.98 -1.92
CA CYS A 11 2.51 -1.32 -2.48
C CYS A 11 2.15 -1.92 -3.84
N PRO A 12 1.25 -2.91 -3.83
CA PRO A 12 0.81 -3.59 -5.05
C PRO A 12 -0.06 -2.69 -5.92
N MET A 13 -0.42 -1.52 -5.39
CA MET A 13 -1.25 -0.56 -6.12
C MET A 13 -0.43 0.16 -7.19
N CYS A 14 0.81 0.49 -6.86
CA CYS A 14 1.69 1.19 -7.79
C CYS A 14 2.97 0.40 -8.02
N GLN A 15 2.98 -0.84 -7.52
CA GLN A 15 4.15 -1.70 -7.68
C GLN A 15 5.39 -1.07 -7.05
N LYS A 16 5.27 -0.65 -5.80
CA LYS A 16 6.37 -0.02 -5.08
C LYS A 16 6.84 -0.90 -3.93
N GLU A 17 8.13 -0.82 -3.62
CA GLU A 17 8.70 -1.61 -2.54
C GLU A 17 9.05 -0.72 -1.34
N PHE A 18 8.56 -1.11 -0.16
CA PHE A 18 8.81 -0.35 1.05
C PHE A 18 10.17 -0.70 1.64
N ALA A 19 10.85 0.29 2.19
CA ALA A 19 12.16 0.10 2.79
C ALA A 19 12.05 -0.67 4.11
N PRO A 20 13.17 -1.27 4.54
CA PRO A 20 13.22 -2.05 5.79
C PRO A 20 13.09 -1.16 7.02
N ARG A 21 13.18 0.15 6.82
CA ARG A 21 13.07 1.09 7.92
C ARG A 21 11.61 1.47 8.19
N LEU A 22 10.79 1.37 7.14
CA LEU A 22 9.37 1.70 7.26
C LEU A 22 8.66 0.69 8.16
N THR A 23 7.58 1.14 8.79
CA THR A 23 6.80 0.28 9.68
C THR A 23 5.37 0.14 9.21
N GLN A 24 4.59 -0.66 9.91
CA GLN A 24 3.19 -0.88 9.55
C GLN A 24 2.46 0.44 9.40
N LEU A 25 2.80 1.41 10.25
CA LEU A 25 2.16 2.72 10.22
C LEU A 25 2.55 3.47 8.94
N ASP A 26 3.78 3.26 8.49
CA ASP A 26 4.27 3.91 7.28
C ASP A 26 3.59 3.34 6.04
N VAL A 27 3.46 2.01 6.00
CA VAL A 27 2.83 1.34 4.86
C VAL A 27 1.43 1.89 4.61
N ASP A 28 0.60 1.89 5.66
CA ASP A 28 -0.76 2.38 5.56
C ASP A 28 -0.78 3.84 5.08
N SER A 29 0.21 4.61 5.53
CA SER A 29 0.30 6.02 5.16
C SER A 29 0.31 6.18 3.65
N HIS A 30 1.20 5.46 2.98
CA HIS A 30 1.31 5.52 1.53
C HIS A 30 0.11 4.85 0.86
N LEU A 31 -0.39 3.79 1.49
CA LEU A 31 -1.54 3.07 0.96
C LEU A 31 -2.77 3.97 0.87
N ALA A 32 -2.79 5.02 1.69
CA ALA A 32 -3.90 5.96 1.69
C ALA A 32 -3.75 6.99 0.57
N GLN A 33 -2.54 7.50 0.40
CA GLN A 33 -2.27 8.49 -0.64
C GLN A 33 -2.24 7.83 -2.02
N CYS A 34 -1.85 6.57 -2.06
CA CYS A 34 -1.78 5.84 -3.32
C CYS A 34 -3.19 5.69 -3.87
N LEU A 35 -4.08 5.21 -3.01
CA LEU A 35 -5.48 5.01 -3.39
C LEU A 35 -6.21 6.34 -3.51
N ALA A 36 -5.74 7.34 -2.75
CA ALA A 36 -6.34 8.67 -2.77
C ALA A 36 -6.14 9.34 -4.12
N GLU A 37 -5.01 9.06 -4.76
CA GLU A 37 -4.69 9.64 -6.05
C GLU A 37 -5.45 8.91 -7.17
N SER A 38 -5.68 7.62 -6.96
CA SER A 38 -6.39 6.81 -7.96
C SER A 38 -5.70 6.90 -9.32
N THR A 39 -4.40 7.18 -9.30
CA THR A 39 -3.63 7.29 -10.53
C THR A 39 -3.82 6.08 -11.42
N GLU A 40 -4.10 4.94 -10.80
CA GLU A 40 -4.31 3.69 -11.54
C GLU A 40 -5.54 3.81 -12.45
N ASP A 41 -5.32 4.19 -13.70
CA ASP A 41 -6.41 4.32 -14.66
C ASP A 41 -6.61 3.02 -15.43
N VAL A 42 -7.20 2.04 -14.77
CA VAL A 42 -7.47 0.75 -15.40
C VAL A 42 -8.96 0.57 -15.69
N THR A 43 -9.30 0.53 -16.97
CA THR A 43 -10.68 0.36 -17.39
C THR A 43 -10.86 -0.89 -18.25
N TRP A 44 -10.80 -2.05 -17.61
CA TRP A 44 -10.94 -3.32 -18.32
C TRP A 44 -12.22 -4.04 -17.89
ZN ZN B . 1.67 3.28 -3.84
#